data_1SB9
#
_entry.id   1SB9
#
_cell.length_a   60.989
_cell.length_b   95.704
_cell.length_c   141.165
_cell.angle_alpha   90.00
_cell.angle_beta   90.00
_cell.angle_gamma   90.00
#
_symmetry.space_group_name_H-M   'C 2 2 21'
#
loop_
_entity.id
_entity.type
_entity.pdbx_description
1 polymer wbpP
2 non-polymer NICOTINAMIDE-ADENINE-DINUCLEOTIDE
3 non-polymer "URIDINE-5'-DIPHOSPHATE-GLUCOSE"
4 water water
#
_entity_poly.entity_id   1
_entity_poly.type   'polypeptide(L)'
_entity_poly.pdbx_seq_one_letter_code
;MHHHHHHGSMGMMSRYEELRKELPAQPKVWLITGVAGFIGSNLLETLLKLDQKVVGLDNFATGHQRNLDEVRSLVSEKQW
SNFKFIQGDIRNLDDCNNACAGVDYVLHQAALGSVPRSINDPITSNATNIDGFLNMLIAARDAKVQSFTYAASSSTYGDH
PGLPKVEDTIGKPLSPYAVTKYVNELYADVFSRCYGFSTIGLRYFNVFGRRQDPNGAYAAVIPKWTSSMIQGDDVYINGD
GETSRDFCYIENTVQANLLAATAGLDARNQVYNIAVGGRTSLNQLFFALRDGLAENGVSYHREPVYRDFREGDVRHSLAD
ISKAAKLLGYAPKYDVSAGVALAMPWYIMFLK
;
_entity_poly.pdbx_strand_id   A
#
loop_
_chem_comp.id
_chem_comp.type
_chem_comp.name
_chem_comp.formula
NAD non-polymer NICOTINAMIDE-ADENINE-DINUCLEOTIDE 'C21 H27 N7 O14 P2'
UPG non-polymer URIDINE-5'-DIPHOSPHATE-GLUCOSE 'C15 H24 N2 O17 P2'
#
# COMPACT_ATOMS: atom_id res chain seq x y z
N MET A 13 5.68 -19.24 16.22
CA MET A 13 6.24 -17.98 15.63
C MET A 13 6.32 -18.02 14.11
N SER A 14 5.81 -16.97 13.47
CA SER A 14 5.83 -16.85 12.03
C SER A 14 7.20 -16.34 11.60
N ARG A 15 7.44 -16.33 10.29
CA ARG A 15 8.71 -15.86 9.78
C ARG A 15 8.87 -14.37 10.04
N TYR A 16 7.75 -13.65 10.08
CA TYR A 16 7.81 -12.21 10.30
C TYR A 16 8.16 -11.90 11.75
N GLU A 17 7.59 -12.68 12.68
CA GLU A 17 7.85 -12.47 14.09
C GLU A 17 9.34 -12.63 14.38
N GLU A 18 9.94 -13.69 13.84
CA GLU A 18 11.36 -13.89 14.07
C GLU A 18 12.16 -12.78 13.39
N LEU A 19 11.66 -12.29 12.26
CA LEU A 19 12.34 -11.21 11.54
C LEU A 19 12.27 -9.94 12.38
N ARG A 20 11.16 -9.78 13.09
CA ARG A 20 10.96 -8.61 13.94
C ARG A 20 12.06 -8.59 15.00
N LYS A 21 12.39 -9.78 15.49
CA LYS A 21 13.41 -9.92 16.54
C LYS A 21 14.83 -9.80 16.03
N GLU A 22 15.06 -10.30 14.81
CA GLU A 22 16.39 -10.28 14.20
C GLU A 22 16.86 -8.90 13.73
N LEU A 23 16.00 -8.18 13.02
CA LEU A 23 16.34 -6.87 12.49
C LEU A 23 17.05 -5.89 13.43
N PRO A 24 16.49 -5.64 14.63
CA PRO A 24 17.13 -4.71 15.55
C PRO A 24 18.58 -5.09 15.90
N ALA A 25 18.89 -6.37 15.76
CA ALA A 25 20.23 -6.88 16.06
C ALA A 25 21.21 -6.63 14.91
N GLN A 26 20.74 -6.78 13.68
CA GLN A 26 21.58 -6.55 12.50
C GLN A 26 20.88 -5.50 11.63
N PRO A 27 20.92 -4.23 12.06
CA PRO A 27 20.31 -3.09 11.36
C PRO A 27 20.77 -2.91 9.92
N LYS A 28 19.82 -2.58 9.05
CA LYS A 28 20.11 -2.36 7.64
C LYS A 28 19.59 -0.98 7.23
N VAL A 29 19.96 -0.55 6.03
CA VAL A 29 19.53 0.74 5.50
C VAL A 29 18.40 0.52 4.52
N TRP A 30 17.23 1.11 4.82
CA TRP A 30 16.06 0.96 3.96
C TRP A 30 15.69 2.26 3.25
N LEU A 31 15.11 2.13 2.06
CA LEU A 31 14.66 3.29 1.30
C LEU A 31 13.17 3.15 1.05
N ILE A 32 12.41 4.19 1.41
CA ILE A 32 10.96 4.17 1.20
C ILE A 32 10.57 5.35 0.32
N THR A 33 10.13 5.08 -0.90
CA THR A 33 9.69 6.15 -1.77
C THR A 33 8.20 6.32 -1.42
N GLY A 34 7.73 7.55 -1.39
CA GLY A 34 6.34 7.79 -1.03
C GLY A 34 6.22 7.63 0.48
N VAL A 35 7.31 7.91 1.17
CA VAL A 35 7.37 7.80 2.62
C VAL A 35 6.40 8.72 3.36
N ALA A 36 5.92 9.78 2.71
CA ALA A 36 5.01 10.71 3.35
C ALA A 36 3.55 10.34 3.12
N GLY A 37 3.32 9.25 2.40
CA GLY A 37 1.97 8.82 2.14
C GLY A 37 1.45 7.89 3.21
N PHE A 38 0.31 7.27 2.94
CA PHE A 38 -0.31 6.33 3.85
C PHE A 38 0.59 5.11 4.12
N ILE A 39 0.69 4.23 3.14
CA ILE A 39 1.52 3.02 3.29
C ILE A 39 2.98 3.33 3.61
N GLY A 40 3.52 4.36 2.98
CA GLY A 40 4.90 4.73 3.23
C GLY A 40 5.21 5.16 4.65
N SER A 41 4.38 6.03 5.22
CA SER A 41 4.64 6.49 6.58
C SER A 41 4.48 5.36 7.60
N ASN A 42 3.61 4.40 7.30
CA ASN A 42 3.43 3.28 8.20
C ASN A 42 4.67 2.39 8.17
N LEU A 43 5.24 2.19 6.98
CA LEU A 43 6.45 1.39 6.84
C LEU A 43 7.55 2.09 7.61
N LEU A 44 7.57 3.41 7.53
CA LEU A 44 8.57 4.19 8.23
C LEU A 44 8.46 3.97 9.74
N GLU A 45 7.25 4.10 10.27
CA GLU A 45 7.03 3.92 11.71
C GLU A 45 7.56 2.57 12.18
N THR A 46 7.24 1.52 11.44
CA THR A 46 7.66 0.17 11.79
C THR A 46 9.18 -0.01 11.75
N LEU A 47 9.80 0.44 10.66
CA LEU A 47 11.24 0.30 10.51
C LEU A 47 12.04 1.08 11.56
N LEU A 48 11.63 2.32 11.84
CA LEU A 48 12.33 3.11 12.85
C LEU A 48 12.21 2.45 14.22
N LYS A 49 11.06 1.81 14.46
CA LYS A 49 10.83 1.13 15.74
C LYS A 49 11.63 -0.16 15.83
N LEU A 50 12.08 -0.65 14.67
CA LEU A 50 12.90 -1.86 14.62
C LEU A 50 14.36 -1.42 14.60
N ASP A 51 14.58 -0.15 14.93
CA ASP A 51 15.90 0.45 14.97
C ASP A 51 16.69 0.36 13.66
N GLN A 52 15.95 0.38 12.55
CA GLN A 52 16.59 0.33 11.25
C GLN A 52 16.87 1.76 10.81
N LYS A 53 17.76 1.91 9.82
CA LYS A 53 18.09 3.21 9.28
C LYS A 53 17.22 3.36 8.04
N VAL A 54 16.57 4.51 7.90
CA VAL A 54 15.68 4.73 6.77
C VAL A 54 15.89 6.02 6.00
N VAL A 55 15.84 5.91 4.68
CA VAL A 55 15.97 7.05 3.79
C VAL A 55 14.60 7.16 3.14
N GLY A 56 14.07 8.37 3.02
CA GLY A 56 12.77 8.56 2.41
C GLY A 56 12.76 9.53 1.26
N LEU A 57 11.96 9.25 0.24
CA LEU A 57 11.84 10.10 -0.94
C LEU A 57 10.37 10.39 -1.16
N ASP A 58 10.02 11.68 -1.31
CA ASP A 58 8.63 12.06 -1.55
C ASP A 58 8.57 13.51 -2.02
N ASN A 59 7.56 13.82 -2.83
CA ASN A 59 7.39 15.17 -3.35
C ASN A 59 6.12 15.82 -2.84
N PHE A 60 5.42 15.14 -1.94
CA PHE A 60 4.19 15.64 -1.33
C PHE A 60 3.02 15.84 -2.30
N ALA A 61 3.08 15.18 -3.45
CA ALA A 61 2.01 15.29 -4.43
C ALA A 61 0.69 14.92 -3.78
N THR A 62 0.68 13.81 -3.05
CA THR A 62 -0.52 13.35 -2.36
C THR A 62 -0.20 13.00 -0.90
N GLY A 63 1.09 13.05 -0.56
CA GLY A 63 1.50 12.76 0.80
C GLY A 63 1.40 14.02 1.64
N HIS A 64 1.68 13.90 2.94
CA HIS A 64 1.59 15.06 3.82
C HIS A 64 2.73 15.15 4.84
N GLN A 65 3.12 16.37 5.16
CA GLN A 65 4.18 16.57 6.15
C GLN A 65 3.66 16.09 7.50
N ARG A 66 2.34 16.15 7.70
CA ARG A 66 1.76 15.72 8.96
C ARG A 66 1.97 14.24 9.20
N ASN A 67 1.99 13.44 8.13
CA ASN A 67 2.22 12.01 8.28
C ASN A 67 3.61 11.79 8.87
N LEU A 68 4.57 12.59 8.41
CA LEU A 68 5.94 12.49 8.91
C LEU A 68 5.97 13.00 10.36
N ASP A 69 5.25 14.09 10.63
CA ASP A 69 5.21 14.65 11.97
C ASP A 69 4.58 13.66 12.96
N GLU A 70 3.52 12.98 12.52
CA GLU A 70 2.85 12.02 13.38
C GLU A 70 3.82 10.89 13.73
N VAL A 71 4.56 10.44 12.73
CA VAL A 71 5.52 9.36 12.95
C VAL A 71 6.56 9.78 13.97
N ARG A 72 7.04 11.01 13.86
CA ARG A 72 8.04 11.50 14.80
C ARG A 72 7.49 11.49 16.22
N SER A 73 6.21 11.82 16.38
CA SER A 73 5.61 11.82 17.71
C SER A 73 5.38 10.41 18.23
N LEU A 74 5.45 9.43 17.32
CA LEU A 74 5.24 8.04 17.71
C LEU A 74 6.52 7.23 17.92
N VAL A 75 7.64 7.71 17.41
CA VAL A 75 8.89 7.01 17.58
C VAL A 75 9.80 7.76 18.55
N SER A 76 10.79 7.05 19.10
CA SER A 76 11.71 7.68 20.04
C SER A 76 12.57 8.69 19.30
N GLU A 77 13.11 9.65 20.04
CA GLU A 77 13.96 10.68 19.45
C GLU A 77 15.16 10.03 18.77
N LYS A 78 15.70 8.98 19.38
CA LYS A 78 16.83 8.27 18.81
C LYS A 78 16.47 7.62 17.48
N GLN A 79 15.38 6.86 17.49
CA GLN A 79 14.93 6.18 16.29
C GLN A 79 14.61 7.17 15.17
N TRP A 80 14.13 8.35 15.54
CA TRP A 80 13.79 9.36 14.54
C TRP A 80 15.04 9.96 13.88
N SER A 81 16.15 9.95 14.59
CA SER A 81 17.38 10.48 14.04
C SER A 81 18.01 9.50 13.05
N ASN A 82 17.45 8.29 12.98
CA ASN A 82 17.93 7.28 12.05
C ASN A 82 17.22 7.45 10.70
N PHE A 83 16.46 8.54 10.60
CA PHE A 83 15.71 8.84 9.39
C PHE A 83 16.26 10.03 8.59
N LYS A 84 16.46 9.80 7.29
CA LYS A 84 16.93 10.84 6.40
C LYS A 84 15.82 11.07 5.39
N PHE A 85 15.34 12.31 5.29
CA PHE A 85 14.28 12.62 4.35
C PHE A 85 14.73 13.48 3.18
N ILE A 86 14.33 13.08 1.99
CA ILE A 86 14.67 13.80 0.78
C ILE A 86 13.39 14.25 0.08
N GLN A 87 13.23 15.55 -0.13
CA GLN A 87 12.06 16.04 -0.83
C GLN A 87 12.45 16.00 -2.30
N GLY A 88 12.03 14.95 -2.98
CA GLY A 88 12.38 14.79 -4.38
C GLY A 88 11.30 14.12 -5.18
N ASP A 89 11.54 13.96 -6.48
CA ASP A 89 10.57 13.35 -7.37
C ASP A 89 11.16 12.14 -8.09
N ILE A 90 10.47 11.01 -8.05
CA ILE A 90 10.99 9.80 -8.70
C ILE A 90 11.06 9.98 -10.21
N ARG A 91 10.51 11.08 -10.72
CA ARG A 91 10.56 11.33 -12.15
C ARG A 91 11.91 11.99 -12.45
N ASN A 92 12.61 12.35 -11.38
CA ASN A 92 13.92 12.98 -11.48
C ASN A 92 14.96 11.91 -11.17
N LEU A 93 15.67 11.44 -12.19
CA LEU A 93 16.68 10.42 -11.99
C LEU A 93 17.72 10.82 -10.95
N ASP A 94 18.02 12.12 -10.87
CA ASP A 94 18.99 12.60 -9.89
C ASP A 94 18.52 12.28 -8.48
N ASP A 95 17.26 12.62 -8.17
CA ASP A 95 16.71 12.35 -6.86
C ASP A 95 16.72 10.85 -6.54
N CYS A 96 16.48 10.01 -7.55
CA CYS A 96 16.47 8.56 -7.36
C CYS A 96 17.85 8.04 -6.97
N ASN A 97 18.87 8.43 -7.74
CA ASN A 97 20.23 7.99 -7.46
C ASN A 97 20.62 8.44 -6.07
N ASN A 98 20.16 9.63 -5.72
CA ASN A 98 20.45 10.21 -4.41
C ASN A 98 19.83 9.40 -3.28
N ALA A 99 18.57 9.03 -3.47
CA ALA A 99 17.85 8.26 -2.46
C ALA A 99 18.33 6.82 -2.33
N CYS A 100 18.93 6.29 -3.39
CA CYS A 100 19.41 4.91 -3.38
C CYS A 100 20.87 4.78 -2.91
N ALA A 101 21.53 5.92 -2.71
CA ALA A 101 22.93 5.90 -2.27
C ALA A 101 23.15 5.10 -0.98
N GLY A 102 23.97 4.05 -1.09
CA GLY A 102 24.28 3.23 0.06
C GLY A 102 23.09 2.59 0.75
N VAL A 103 22.06 2.24 -0.02
CA VAL A 103 20.87 1.62 0.54
C VAL A 103 20.90 0.10 0.39
N ASP A 104 20.34 -0.59 1.38
CA ASP A 104 20.29 -2.05 1.36
C ASP A 104 19.00 -2.55 0.71
N TYR A 105 17.86 -2.14 1.27
CA TYR A 105 16.58 -2.57 0.72
C TYR A 105 15.70 -1.40 0.29
N VAL A 106 15.14 -1.53 -0.91
CA VAL A 106 14.26 -0.49 -1.43
C VAL A 106 12.81 -0.95 -1.37
N LEU A 107 11.98 -0.11 -0.79
CA LEU A 107 10.55 -0.38 -0.70
C LEU A 107 9.92 0.75 -1.49
N HIS A 108 9.62 0.49 -2.76
CA HIS A 108 9.04 1.49 -3.64
C HIS A 108 7.52 1.57 -3.49
N GLN A 109 7.05 2.70 -2.96
CA GLN A 109 5.63 2.93 -2.76
C GLN A 109 5.18 4.21 -3.48
N ALA A 110 6.13 5.01 -3.94
CA ALA A 110 5.80 6.26 -4.62
C ALA A 110 4.98 6.07 -5.90
N ALA A 111 3.77 6.60 -5.91
CA ALA A 111 2.89 6.50 -7.06
C ALA A 111 1.65 7.36 -6.87
N LEU A 112 0.79 7.37 -7.88
CA LEU A 112 -0.45 8.12 -7.84
C LEU A 112 -1.60 7.14 -8.01
N GLY A 113 -2.14 6.67 -6.89
CA GLY A 113 -3.22 5.71 -6.93
C GLY A 113 -4.52 6.31 -7.43
N SER A 114 -5.60 5.54 -7.31
CA SER A 114 -6.94 5.95 -7.73
C SER A 114 -7.23 5.77 -9.21
N VAL A 115 -8.11 4.83 -9.49
CA VAL A 115 -8.54 4.54 -10.86
C VAL A 115 -9.23 5.77 -11.45
N PRO A 116 -10.22 6.34 -10.73
CA PRO A 116 -10.92 7.52 -11.24
C PRO A 116 -9.95 8.62 -11.65
N ARG A 117 -8.91 8.83 -10.84
CA ARG A 117 -7.92 9.86 -11.14
C ARG A 117 -7.19 9.59 -12.45
N SER A 118 -6.76 8.35 -12.65
CA SER A 118 -6.04 7.98 -13.86
C SER A 118 -6.93 8.03 -15.10
N ILE A 119 -8.23 7.80 -14.91
CA ILE A 119 -9.16 7.83 -16.03
C ILE A 119 -9.41 9.26 -16.54
N ASN A 120 -9.61 10.22 -15.64
CA ASN A 120 -9.83 11.58 -16.10
C ASN A 120 -8.52 12.34 -16.33
N ASP A 121 -7.39 11.67 -16.07
CA ASP A 121 -6.08 12.27 -16.29
C ASP A 121 -5.00 11.19 -16.37
N PRO A 122 -5.03 10.39 -17.45
CA PRO A 122 -4.06 9.30 -17.66
C PRO A 122 -2.60 9.72 -17.83
N ILE A 123 -2.36 10.91 -18.37
CA ILE A 123 -0.99 11.38 -18.56
C ILE A 123 -0.25 11.58 -17.23
N THR A 124 -0.87 12.32 -16.32
CA THR A 124 -0.26 12.60 -15.02
C THR A 124 0.04 11.32 -14.27
N SER A 125 -0.86 10.34 -14.38
CA SER A 125 -0.67 9.07 -13.70
C SER A 125 0.46 8.27 -14.36
N ASN A 126 0.53 8.34 -15.68
CA ASN A 126 1.55 7.63 -16.43
C ASN A 126 2.96 8.09 -16.06
N ALA A 127 3.15 9.40 -15.99
CA ALA A 127 4.44 10.00 -15.67
C ALA A 127 5.06 9.46 -14.39
N THR A 128 4.31 9.49 -13.30
CA THR A 128 4.84 9.00 -12.03
C THR A 128 4.90 7.47 -11.98
N ASN A 129 3.77 6.83 -12.25
CA ASN A 129 3.66 5.38 -12.17
C ASN A 129 4.55 4.56 -13.10
N ILE A 130 4.82 5.07 -14.30
CA ILE A 130 5.68 4.33 -15.22
C ILE A 130 7.06 4.94 -15.38
N ASP A 131 7.16 6.22 -15.72
CA ASP A 131 8.47 6.82 -15.87
C ASP A 131 9.20 6.75 -14.52
N GLY A 132 8.55 7.28 -13.48
CA GLY A 132 9.15 7.28 -12.15
C GLY A 132 9.55 5.89 -11.70
N PHE A 133 8.70 4.90 -11.97
CA PHE A 133 8.99 3.54 -11.57
C PHE A 133 10.27 3.08 -12.25
N LEU A 134 10.36 3.34 -13.55
CA LEU A 134 11.53 2.94 -14.32
C LEU A 134 12.81 3.61 -13.81
N ASN A 135 12.72 4.88 -13.41
CA ASN A 135 13.90 5.57 -12.90
C ASN A 135 14.40 4.88 -11.63
N MET A 136 13.46 4.48 -10.77
CA MET A 136 13.83 3.82 -9.53
C MET A 136 14.55 2.49 -9.77
N LEU A 137 14.15 1.76 -10.80
CA LEU A 137 14.79 0.49 -11.13
C LEU A 137 16.25 0.72 -11.51
N ILE A 138 16.48 1.71 -12.37
CA ILE A 138 17.82 2.05 -12.82
C ILE A 138 18.69 2.49 -11.65
N ALA A 139 18.17 3.42 -10.86
CA ALA A 139 18.91 3.93 -9.70
C ALA A 139 19.17 2.83 -8.67
N ALA A 140 18.19 1.98 -8.41
CA ALA A 140 18.38 0.90 -7.45
C ALA A 140 19.43 -0.06 -8.00
N ARG A 141 19.29 -0.38 -9.28
CA ARG A 141 20.23 -1.28 -9.96
C ARG A 141 21.65 -0.71 -9.94
N ASP A 142 21.78 0.57 -10.32
CA ASP A 142 23.09 1.21 -10.35
C ASP A 142 23.69 1.39 -8.95
N ALA A 143 22.85 1.45 -7.93
CA ALA A 143 23.34 1.62 -6.56
C ALA A 143 23.75 0.27 -5.96
N LYS A 144 23.54 -0.80 -6.71
CA LYS A 144 23.89 -2.14 -6.22
C LYS A 144 23.15 -2.47 -4.92
N VAL A 145 21.86 -2.18 -4.91
CA VAL A 145 21.01 -2.45 -3.75
C VAL A 145 20.88 -3.96 -3.55
N GLN A 146 20.58 -4.39 -2.33
CA GLN A 146 20.44 -5.82 -2.06
C GLN A 146 19.07 -6.37 -2.47
N SER A 147 18.04 -5.53 -2.40
CA SER A 147 16.70 -5.96 -2.78
C SER A 147 15.83 -4.78 -3.18
N PHE A 148 14.87 -5.06 -4.05
CA PHE A 148 13.95 -4.04 -4.56
C PHE A 148 12.53 -4.61 -4.46
N THR A 149 11.70 -3.98 -3.64
CA THR A 149 10.32 -4.41 -3.47
C THR A 149 9.43 -3.25 -3.88
N TYR A 150 8.44 -3.53 -4.73
CA TYR A 150 7.57 -2.47 -5.20
C TYR A 150 6.09 -2.77 -5.03
N ALA A 151 5.31 -1.72 -4.83
CA ALA A 151 3.87 -1.84 -4.65
C ALA A 151 3.15 -2.07 -5.97
N ALA A 152 2.61 -3.28 -6.13
CA ALA A 152 1.86 -3.64 -7.34
C ALA A 152 0.38 -3.47 -7.00
N SER A 153 -0.51 -4.06 -7.80
CA SER A 153 -1.94 -3.91 -7.52
C SER A 153 -2.84 -5.00 -8.03
N SER A 154 -3.88 -5.30 -7.25
CA SER A 154 -4.85 -6.32 -7.61
C SER A 154 -5.68 -5.91 -8.82
N SER A 155 -5.52 -4.67 -9.26
CA SER A 155 -6.25 -4.18 -10.42
C SER A 155 -5.79 -4.90 -11.68
N THR A 156 -4.58 -5.43 -11.63
CA THR A 156 -4.00 -6.14 -12.77
C THR A 156 -4.88 -7.32 -13.20
N TYR A 157 -5.75 -7.78 -12.30
CA TYR A 157 -6.65 -8.89 -12.62
C TYR A 157 -7.73 -8.43 -13.58
N GLY A 158 -7.99 -7.12 -13.59
CA GLY A 158 -8.99 -6.55 -14.48
C GLY A 158 -10.32 -7.25 -14.57
N ASP A 159 -10.80 -7.44 -15.81
CA ASP A 159 -12.09 -8.06 -16.08
C ASP A 159 -12.25 -9.49 -15.53
N HIS A 160 -11.22 -10.32 -15.69
CA HIS A 160 -11.26 -11.70 -15.23
C HIS A 160 -12.12 -11.85 -13.98
N PRO A 161 -13.22 -12.61 -14.07
CA PRO A 161 -14.15 -12.86 -12.98
C PRO A 161 -13.69 -13.85 -11.90
N GLY A 162 -13.23 -15.02 -12.32
CA GLY A 162 -12.78 -16.06 -11.40
C GLY A 162 -12.30 -15.65 -10.01
N LEU A 163 -12.66 -16.45 -9.02
CA LEU A 163 -12.28 -16.22 -7.63
C LEU A 163 -11.97 -17.55 -6.94
N PRO A 164 -10.97 -17.57 -6.04
CA PRO A 164 -10.10 -16.46 -5.62
C PRO A 164 -9.13 -16.06 -6.72
N LYS A 165 -8.37 -14.99 -6.49
CA LYS A 165 -7.41 -14.51 -7.47
C LYS A 165 -6.07 -15.22 -7.35
N VAL A 166 -5.56 -15.71 -8.46
CA VAL A 166 -4.27 -16.41 -8.51
C VAL A 166 -3.27 -15.58 -9.33
N GLU A 167 -2.05 -15.46 -8.82
CA GLU A 167 -1.02 -14.66 -9.48
C GLU A 167 -0.76 -14.91 -10.95
N ASP A 168 -0.82 -16.15 -11.40
CA ASP A 168 -0.55 -16.45 -12.81
C ASP A 168 -1.71 -16.19 -13.77
N THR A 169 -2.92 -16.05 -13.24
CA THR A 169 -4.09 -15.82 -14.07
C THR A 169 -4.61 -14.39 -13.95
N ILE A 170 -4.27 -13.55 -14.92
CA ILE A 170 -4.71 -12.15 -14.90
C ILE A 170 -5.61 -11.80 -16.08
N GLY A 171 -6.39 -10.75 -15.93
CA GLY A 171 -7.29 -10.32 -16.99
C GLY A 171 -6.75 -9.09 -17.70
N LYS A 172 -7.61 -8.41 -18.44
CA LYS A 172 -7.22 -7.21 -19.16
C LYS A 172 -7.52 -5.97 -18.31
N PRO A 173 -6.60 -4.99 -18.29
CA PRO A 173 -6.76 -3.75 -17.52
C PRO A 173 -8.07 -3.03 -17.82
N LEU A 174 -8.66 -2.44 -16.79
CA LEU A 174 -9.92 -1.71 -16.95
C LEU A 174 -9.74 -0.21 -16.81
N SER A 175 -8.49 0.24 -16.75
CA SER A 175 -8.21 1.66 -16.59
C SER A 175 -6.75 1.98 -16.77
N PRO A 176 -6.43 3.27 -17.01
CA PRO A 176 -5.04 3.69 -17.19
C PRO A 176 -4.19 3.31 -15.96
N TYR A 177 -4.73 3.53 -14.77
CA TYR A 177 -4.02 3.20 -13.54
C TYR A 177 -3.58 1.74 -13.57
N ALA A 178 -4.52 0.84 -13.86
CA ALA A 178 -4.25 -0.59 -13.91
C ALA A 178 -3.13 -0.89 -14.90
N VAL A 179 -3.09 -0.15 -16.00
CA VAL A 179 -2.03 -0.36 -16.99
C VAL A 179 -0.67 -0.06 -16.36
N THR A 180 -0.55 1.11 -15.72
CA THR A 180 0.70 1.50 -15.10
C THR A 180 1.18 0.49 -14.06
N LYS A 181 0.26 -0.05 -13.27
CA LYS A 181 0.63 -1.01 -12.24
C LYS A 181 1.08 -2.30 -12.87
N TYR A 182 0.48 -2.65 -14.01
CA TYR A 182 0.85 -3.88 -14.69
C TYR A 182 2.22 -3.69 -15.35
N VAL A 183 2.48 -2.48 -15.83
CA VAL A 183 3.75 -2.19 -16.48
C VAL A 183 4.91 -2.24 -15.47
N ASN A 184 4.61 -1.98 -14.20
CA ASN A 184 5.64 -2.05 -13.17
C ASN A 184 6.11 -3.50 -13.08
N GLU A 185 5.18 -4.42 -13.26
CA GLU A 185 5.50 -5.85 -13.23
C GLU A 185 6.29 -6.24 -14.46
N LEU A 186 5.89 -5.72 -15.62
CA LEU A 186 6.58 -6.02 -16.87
C LEU A 186 8.03 -5.58 -16.82
N TYR A 187 8.26 -4.31 -16.52
CA TYR A 187 9.63 -3.79 -16.44
C TYR A 187 10.44 -4.52 -15.38
N ALA A 188 9.79 -4.91 -14.29
CA ALA A 188 10.49 -5.63 -13.22
C ALA A 188 11.02 -6.96 -13.74
N ASP A 189 10.18 -7.67 -14.49
CA ASP A 189 10.56 -8.96 -15.05
C ASP A 189 11.73 -8.83 -16.04
N VAL A 190 11.61 -7.84 -16.92
CA VAL A 190 12.64 -7.58 -17.91
C VAL A 190 13.98 -7.21 -17.28
N PHE A 191 13.95 -6.40 -16.22
CA PHE A 191 15.19 -6.02 -15.56
C PHE A 191 15.88 -7.24 -14.97
N SER A 192 15.11 -8.29 -14.74
CA SER A 192 15.63 -9.53 -14.19
C SER A 192 16.29 -10.34 -15.31
N ARG A 193 15.67 -10.30 -16.48
CA ARG A 193 16.18 -11.03 -17.65
C ARG A 193 17.42 -10.39 -18.25
N CYS A 194 17.40 -9.07 -18.36
CA CYS A 194 18.49 -8.34 -18.98
C CYS A 194 19.64 -7.89 -18.10
N TYR A 195 19.40 -7.66 -16.82
CA TYR A 195 20.46 -7.19 -15.94
C TYR A 195 20.68 -8.07 -14.71
N GLY A 196 19.81 -9.05 -14.53
CA GLY A 196 19.96 -9.92 -13.37
C GLY A 196 19.57 -9.19 -12.10
N PHE A 197 18.77 -8.13 -12.26
CA PHE A 197 18.30 -7.33 -11.13
C PHE A 197 16.92 -7.87 -10.77
N SER A 198 16.87 -8.79 -9.83
CA SER A 198 15.60 -9.40 -9.43
C SER A 198 14.83 -8.55 -8.43
N THR A 199 13.50 -8.55 -8.58
CA THR A 199 12.65 -7.76 -7.71
C THR A 199 11.50 -8.60 -7.18
N ILE A 200 10.71 -8.00 -6.31
CA ILE A 200 9.53 -8.66 -5.77
C ILE A 200 8.42 -7.62 -5.79
N GLY A 201 7.35 -7.94 -6.51
CA GLY A 201 6.22 -7.04 -6.61
C GLY A 201 5.06 -7.56 -5.79
N LEU A 202 4.48 -6.68 -4.98
CA LEU A 202 3.37 -7.05 -4.13
C LEU A 202 2.06 -6.47 -4.63
N ARG A 203 1.15 -7.34 -5.03
CA ARG A 203 -0.15 -6.90 -5.49
C ARG A 203 -1.05 -6.64 -4.30
N TYR A 204 -1.13 -5.39 -3.86
CA TYR A 204 -1.95 -5.03 -2.73
C TYR A 204 -3.44 -5.13 -3.05
N PHE A 205 -4.24 -5.44 -2.05
CA PHE A 205 -5.69 -5.54 -2.19
C PHE A 205 -6.34 -4.60 -1.18
N ASN A 206 -6.75 -3.42 -1.63
CA ASN A 206 -7.42 -2.47 -0.77
C ASN A 206 -6.90 -2.34 0.66
N VAL A 207 -5.75 -1.70 0.81
CA VAL A 207 -5.15 -1.49 2.12
C VAL A 207 -5.85 -0.34 2.84
N PHE A 208 -5.92 -0.42 4.17
CA PHE A 208 -6.55 0.63 4.96
C PHE A 208 -5.89 0.69 6.32
N GLY A 209 -6.16 1.76 7.06
CA GLY A 209 -5.56 1.92 8.38
C GLY A 209 -5.27 3.38 8.67
N ARG A 210 -4.50 3.64 9.72
CA ARG A 210 -4.17 5.00 10.08
C ARG A 210 -3.34 5.73 9.02
N ARG A 211 -3.66 7.01 8.85
CA ARG A 211 -2.98 7.90 7.92
C ARG A 211 -3.38 7.77 6.44
N GLN A 212 -4.44 7.01 6.16
CA GLN A 212 -4.89 6.91 4.78
C GLN A 212 -5.82 8.11 4.59
N ASP A 213 -5.34 9.07 3.81
CA ASP A 213 -6.05 10.32 3.55
C ASP A 213 -7.55 10.23 3.29
N PRO A 214 -8.36 10.83 4.19
CA PRO A 214 -9.82 10.83 4.10
C PRO A 214 -10.33 12.04 3.29
N ASN A 215 -9.45 12.99 3.03
CA ASN A 215 -9.83 14.18 2.28
C ASN A 215 -9.62 13.96 0.79
N GLY A 216 -9.83 15.01 -0.01
CA GLY A 216 -9.67 14.88 -1.45
C GLY A 216 -10.82 14.15 -2.08
N ALA A 217 -10.94 14.26 -3.40
CA ALA A 217 -12.02 13.61 -4.14
C ALA A 217 -11.70 12.18 -4.56
N TYR A 218 -10.47 11.73 -4.30
CA TYR A 218 -10.06 10.38 -4.69
C TYR A 218 -9.77 9.48 -3.49
N ALA A 219 -10.21 9.91 -2.30
CA ALA A 219 -9.99 9.13 -1.09
C ALA A 219 -10.61 7.74 -1.20
N ALA A 220 -9.99 6.75 -0.56
CA ALA A 220 -10.47 5.38 -0.58
C ALA A 220 -11.78 5.29 0.20
N VAL A 221 -12.54 4.23 -0.07
CA VAL A 221 -13.84 4.03 0.57
C VAL A 221 -13.85 4.08 2.11
N ILE A 222 -12.93 3.35 2.75
CA ILE A 222 -12.90 3.36 4.20
C ILE A 222 -12.65 4.74 4.80
N PRO A 223 -11.59 5.44 4.34
CA PRO A 223 -11.34 6.77 4.91
C PRO A 223 -12.50 7.72 4.63
N LYS A 224 -12.99 7.69 3.39
CA LYS A 224 -14.10 8.55 2.97
C LYS A 224 -15.34 8.32 3.83
N TRP A 225 -15.76 7.05 3.93
CA TRP A 225 -16.94 6.72 4.73
C TRP A 225 -16.78 7.02 6.22
N THR A 226 -15.67 6.57 6.80
CA THR A 226 -15.44 6.81 8.23
C THR A 226 -15.50 8.31 8.51
N SER A 227 -14.80 9.08 7.69
CA SER A 227 -14.77 10.54 7.84
C SER A 227 -16.19 11.11 7.79
N SER A 228 -16.95 10.73 6.77
CA SER A 228 -18.32 11.20 6.58
C SER A 228 -19.27 10.90 7.73
N MET A 229 -19.14 9.73 8.35
CA MET A 229 -20.01 9.36 9.45
C MET A 229 -19.71 10.21 10.68
N ILE A 230 -18.43 10.44 10.94
CA ILE A 230 -18.02 11.25 12.08
C ILE A 230 -18.58 12.66 11.90
N GLN A 231 -18.48 13.17 10.68
CA GLN A 231 -18.96 14.51 10.38
C GLN A 231 -20.48 14.57 10.25
N GLY A 232 -21.11 13.41 10.09
CA GLY A 232 -22.56 13.36 9.97
C GLY A 232 -23.06 13.57 8.55
N ASP A 233 -22.17 13.41 7.57
CA ASP A 233 -22.57 13.58 6.17
C ASP A 233 -23.15 12.28 5.61
N ASP A 234 -23.71 12.36 4.40
CA ASP A 234 -24.27 11.18 3.77
C ASP A 234 -23.15 10.30 3.25
N VAL A 235 -23.42 9.00 3.20
CA VAL A 235 -22.48 8.01 2.71
C VAL A 235 -23.02 7.46 1.38
N TYR A 236 -22.18 7.51 0.36
CA TYR A 236 -22.58 7.03 -0.96
C TYR A 236 -22.01 5.68 -1.32
N ILE A 237 -22.89 4.78 -1.76
CA ILE A 237 -22.51 3.43 -2.17
C ILE A 237 -22.66 3.36 -3.69
N ASN A 238 -21.55 3.17 -4.39
CA ASN A 238 -21.58 3.10 -5.85
C ASN A 238 -22.00 1.71 -6.32
N GLY A 239 -23.28 1.56 -6.63
CA GLY A 239 -23.79 0.29 -7.07
C GLY A 239 -24.82 -0.22 -6.08
N ASP A 240 -24.95 -1.54 -5.98
CA ASP A 240 -25.90 -2.14 -5.06
C ASP A 240 -25.29 -2.41 -3.68
N GLY A 241 -23.97 -2.25 -3.60
CA GLY A 241 -23.30 -2.49 -2.33
C GLY A 241 -22.85 -3.93 -2.18
N GLU A 242 -23.13 -4.75 -3.19
CA GLU A 242 -22.74 -6.16 -3.15
C GLU A 242 -21.32 -6.34 -3.66
N THR A 243 -20.72 -5.23 -4.08
CA THR A 243 -19.35 -5.23 -4.56
C THR A 243 -18.52 -5.67 -3.37
N SER A 244 -17.69 -6.70 -3.56
CA SER A 244 -16.86 -7.21 -2.48
C SER A 244 -15.38 -6.95 -2.65
N ARG A 245 -14.69 -6.78 -1.53
CA ARG A 245 -13.26 -6.52 -1.51
C ARG A 245 -12.56 -7.32 -0.42
N ASP A 246 -11.26 -7.49 -0.61
CA ASP A 246 -10.42 -8.21 0.35
C ASP A 246 -9.63 -7.11 1.09
N PHE A 247 -10.31 -6.35 1.93
CA PHE A 247 -9.66 -5.27 2.67
C PHE A 247 -8.50 -5.78 3.52
N CYS A 248 -7.32 -5.24 3.24
CA CYS A 248 -6.10 -5.64 3.94
C CYS A 248 -5.57 -4.56 4.88
N TYR A 249 -5.69 -4.81 6.19
CA TYR A 249 -5.21 -3.86 7.18
C TYR A 249 -3.73 -3.55 6.99
N ILE A 250 -3.40 -2.26 7.10
CA ILE A 250 -2.02 -1.81 6.91
C ILE A 250 -0.95 -2.72 7.50
N GLU A 251 -1.10 -3.12 8.76
CA GLU A 251 -0.13 -3.97 9.41
C GLU A 251 0.22 -5.23 8.60
N ASN A 252 -0.76 -5.82 7.91
CA ASN A 252 -0.50 -7.01 7.12
C ASN A 252 0.37 -6.67 5.92
N THR A 253 0.14 -5.49 5.35
CA THR A 253 0.91 -5.04 4.20
C THR A 253 2.35 -4.73 4.60
N VAL A 254 2.54 -4.18 5.80
CA VAL A 254 3.88 -3.86 6.28
C VAL A 254 4.66 -5.17 6.39
N GLN A 255 4.02 -6.19 6.95
CA GLN A 255 4.67 -7.49 7.09
C GLN A 255 5.21 -7.97 5.75
N ALA A 256 4.35 -7.97 4.73
CA ALA A 256 4.74 -8.43 3.40
C ALA A 256 5.96 -7.69 2.87
N ASN A 257 5.99 -6.37 3.06
CA ASN A 257 7.10 -5.55 2.59
C ASN A 257 8.44 -5.98 3.19
N LEU A 258 8.53 -6.03 4.52
CA LEU A 258 9.77 -6.42 5.17
C LEU A 258 10.15 -7.85 4.81
N LEU A 259 9.14 -8.69 4.68
CA LEU A 259 9.34 -10.08 4.31
C LEU A 259 9.97 -10.17 2.93
N ALA A 260 9.40 -9.45 1.98
CA ALA A 260 9.89 -9.45 0.61
C ALA A 260 11.29 -8.85 0.50
N ALA A 261 11.54 -7.80 1.29
CA ALA A 261 12.82 -7.12 1.27
C ALA A 261 13.96 -8.03 1.69
N THR A 262 13.66 -9.05 2.48
CA THR A 262 14.69 -9.95 2.98
C THR A 262 14.51 -11.43 2.61
N ALA A 263 13.78 -11.70 1.54
CA ALA A 263 13.52 -13.07 1.12
C ALA A 263 14.68 -13.72 0.37
N GLY A 264 14.70 -15.06 0.40
CA GLY A 264 15.73 -15.80 -0.29
C GLY A 264 15.59 -15.62 -1.79
N LEU A 265 16.66 -15.94 -2.54
CA LEU A 265 16.66 -15.81 -3.98
C LEU A 265 15.51 -16.56 -4.67
N ASP A 266 15.19 -17.73 -4.15
CA ASP A 266 14.12 -18.52 -4.72
C ASP A 266 12.81 -17.76 -4.75
N ALA A 267 12.70 -16.74 -3.92
CA ALA A 267 11.49 -15.95 -3.84
C ALA A 267 11.52 -14.66 -4.67
N ARG A 268 12.67 -14.35 -5.27
CA ARG A 268 12.79 -13.14 -6.07
C ARG A 268 12.13 -13.21 -7.45
N ASN A 269 12.15 -12.07 -8.14
CA ASN A 269 11.53 -11.92 -9.46
C ASN A 269 10.20 -12.66 -9.46
N GLN A 270 9.38 -12.32 -8.48
CA GLN A 270 8.08 -12.96 -8.31
C GLN A 270 7.09 -11.92 -7.79
N VAL A 271 5.81 -12.08 -8.15
CA VAL A 271 4.78 -11.18 -7.69
C VAL A 271 3.85 -11.95 -6.76
N TYR A 272 3.36 -11.31 -5.70
CA TYR A 272 2.49 -11.98 -4.73
C TYR A 272 1.23 -11.17 -4.41
N ASN A 273 0.18 -11.88 -4.04
CA ASN A 273 -1.08 -11.26 -3.63
C ASN A 273 -0.94 -10.97 -2.15
N ILE A 274 -1.24 -9.75 -1.74
CA ILE A 274 -1.15 -9.40 -0.32
C ILE A 274 -2.49 -8.90 0.20
N ALA A 275 -3.16 -9.78 0.95
CA ALA A 275 -4.45 -9.51 1.54
C ALA A 275 -4.62 -10.56 2.62
N VAL A 276 -5.86 -10.84 3.02
CA VAL A 276 -6.13 -11.84 4.04
C VAL A 276 -6.95 -13.01 3.51
N GLY A 277 -7.37 -12.92 2.25
CA GLY A 277 -8.18 -13.97 1.67
C GLY A 277 -9.61 -13.90 2.16
N GLY A 278 -10.01 -12.71 2.59
CA GLY A 278 -11.36 -12.51 3.08
C GLY A 278 -12.24 -11.76 2.09
N ARG A 279 -13.55 -11.88 2.27
CA ARG A 279 -14.50 -11.23 1.39
C ARG A 279 -15.45 -10.33 2.17
N THR A 280 -15.40 -9.02 1.90
CA THR A 280 -16.27 -8.08 2.58
C THR A 280 -17.06 -7.25 1.58
N SER A 281 -18.39 -7.38 1.61
CA SER A 281 -19.22 -6.61 0.71
C SER A 281 -19.26 -5.18 1.21
N LEU A 282 -19.49 -4.23 0.32
CA LEU A 282 -19.55 -2.83 0.69
C LEU A 282 -20.67 -2.61 1.70
N ASN A 283 -21.72 -3.42 1.62
CA ASN A 283 -22.82 -3.30 2.56
C ASN A 283 -22.39 -3.75 3.94
N GLN A 284 -21.53 -4.76 4.03
CA GLN A 284 -21.07 -5.19 5.33
C GLN A 284 -20.16 -4.08 5.89
N LEU A 285 -19.32 -3.53 5.02
CA LEU A 285 -18.40 -2.48 5.42
C LEU A 285 -19.11 -1.30 6.06
N PHE A 286 -20.21 -0.86 5.43
CA PHE A 286 -20.98 0.27 5.95
C PHE A 286 -21.29 0.09 7.42
N PHE A 287 -21.80 -1.08 7.78
CA PHE A 287 -22.16 -1.39 9.16
C PHE A 287 -20.96 -1.66 10.04
N ALA A 288 -19.90 -2.20 9.46
CA ALA A 288 -18.70 -2.46 10.25
C ALA A 288 -18.15 -1.12 10.75
N LEU A 289 -18.05 -0.15 9.85
CA LEU A 289 -17.55 1.18 10.20
C LEU A 289 -18.50 1.90 11.15
N ARG A 290 -19.78 1.89 10.84
CA ARG A 290 -20.77 2.56 11.69
C ARG A 290 -20.76 1.96 13.10
N ASP A 291 -20.85 0.63 13.20
CA ASP A 291 -20.84 -0.01 14.52
C ASP A 291 -19.51 0.27 15.20
N GLY A 292 -18.43 0.23 14.43
CA GLY A 292 -17.10 0.48 14.97
C GLY A 292 -17.01 1.86 15.57
N LEU A 293 -17.57 2.84 14.87
CA LEU A 293 -17.56 4.21 15.34
C LEU A 293 -18.47 4.36 16.56
N ALA A 294 -19.55 3.59 16.59
CA ALA A 294 -20.50 3.63 17.70
C ALA A 294 -19.85 3.16 19.00
N GLU A 295 -18.94 2.20 18.91
CA GLU A 295 -18.24 1.70 20.09
C GLU A 295 -17.35 2.79 20.67
N ASN A 296 -17.06 3.81 19.86
CA ASN A 296 -16.20 4.90 20.28
C ASN A 296 -16.96 6.17 20.62
N GLY A 297 -18.28 6.05 20.79
CA GLY A 297 -19.08 7.20 21.14
C GLY A 297 -19.46 8.11 20.00
N VAL A 298 -19.59 7.55 18.81
CA VAL A 298 -19.96 8.31 17.63
C VAL A 298 -21.25 7.74 17.07
N SER A 299 -22.32 8.53 17.13
CA SER A 299 -23.62 8.07 16.65
C SER A 299 -23.89 8.51 15.22
N TYR A 300 -24.36 7.57 14.41
CA TYR A 300 -24.68 7.83 13.01
C TYR A 300 -25.94 7.03 12.74
N HIS A 301 -27.01 7.70 12.31
CA HIS A 301 -28.27 7.03 12.07
C HIS A 301 -28.75 7.12 10.64
N ARG A 302 -27.91 7.66 9.77
CA ARG A 302 -28.25 7.80 8.36
C ARG A 302 -28.08 6.48 7.63
N GLU A 303 -28.94 6.25 6.64
CA GLU A 303 -28.86 5.05 5.83
C GLU A 303 -27.96 5.40 4.65
N PRO A 304 -27.34 4.38 4.03
CA PRO A 304 -26.46 4.67 2.90
C PRO A 304 -27.25 5.12 1.66
N VAL A 305 -26.67 6.05 0.91
CA VAL A 305 -27.30 6.55 -0.31
C VAL A 305 -26.67 5.84 -1.50
N TYR A 306 -27.47 5.00 -2.17
CA TYR A 306 -27.00 4.25 -3.32
C TYR A 306 -27.09 5.04 -4.62
N ARG A 307 -25.98 5.08 -5.36
CA ARG A 307 -25.94 5.76 -6.65
C ARG A 307 -25.32 4.79 -7.67
N ASP A 308 -25.13 5.25 -8.90
CA ASP A 308 -24.58 4.40 -9.95
C ASP A 308 -23.19 3.85 -9.69
N PHE A 309 -22.90 2.70 -10.28
CA PHE A 309 -21.59 2.07 -10.16
C PHE A 309 -20.54 3.05 -10.66
N ARG A 310 -19.32 2.93 -10.17
CA ARG A 310 -18.26 3.83 -10.61
C ARG A 310 -17.52 3.17 -11.77
N GLU A 311 -17.09 3.99 -12.74
CA GLU A 311 -16.41 3.49 -13.93
C GLU A 311 -15.02 2.93 -13.63
N GLY A 312 -14.66 1.86 -14.34
CA GLY A 312 -13.36 1.24 -14.13
C GLY A 312 -13.27 0.56 -12.78
N ASP A 313 -14.42 0.12 -12.28
CA ASP A 313 -14.50 -0.54 -10.98
C ASP A 313 -14.68 -2.05 -11.14
N VAL A 314 -14.04 -2.81 -10.28
CA VAL A 314 -14.12 -4.27 -10.31
C VAL A 314 -15.29 -4.75 -9.44
N ARG A 315 -15.95 -5.82 -9.85
CA ARG A 315 -17.09 -6.34 -9.10
C ARG A 315 -16.68 -7.03 -7.81
N HIS A 316 -15.94 -8.13 -7.93
CA HIS A 316 -15.47 -8.87 -6.76
C HIS A 316 -13.95 -9.02 -6.77
N SER A 317 -13.36 -9.07 -5.59
CA SER A 317 -11.92 -9.20 -5.46
C SER A 317 -11.56 -9.99 -4.20
N LEU A 318 -11.18 -11.26 -4.39
CA LEU A 318 -10.79 -12.11 -3.28
C LEU A 318 -9.41 -12.61 -3.66
N ALA A 319 -8.50 -12.63 -2.70
CA ALA A 319 -7.14 -13.06 -2.98
C ALA A 319 -6.74 -14.40 -2.36
N ASP A 320 -5.96 -15.17 -3.11
CA ASP A 320 -5.43 -16.43 -2.63
C ASP A 320 -4.02 -16.03 -2.23
N ILE A 321 -3.74 -16.04 -0.93
CA ILE A 321 -2.42 -15.65 -0.45
C ILE A 321 -1.50 -16.84 -0.21
N SER A 322 -1.91 -18.03 -0.67
CA SER A 322 -1.10 -19.22 -0.44
C SER A 322 0.30 -19.11 -1.03
N LYS A 323 0.45 -18.41 -2.15
CA LYS A 323 1.76 -18.25 -2.75
C LYS A 323 2.66 -17.42 -1.84
N ALA A 324 2.09 -16.38 -1.24
CA ALA A 324 2.84 -15.51 -0.34
C ALA A 324 3.13 -16.24 0.98
N ALA A 325 2.17 -17.04 1.44
CA ALA A 325 2.35 -17.78 2.66
C ALA A 325 3.42 -18.86 2.47
N LYS A 326 3.41 -19.48 1.29
CA LYS A 326 4.35 -20.54 0.97
C LYS A 326 5.79 -20.11 0.68
N LEU A 327 5.95 -19.08 -0.16
CA LEU A 327 7.29 -18.60 -0.51
C LEU A 327 7.89 -17.50 0.37
N LEU A 328 7.04 -16.72 1.03
CA LEU A 328 7.52 -15.64 1.89
C LEU A 328 7.22 -15.91 3.35
N GLY A 329 6.38 -16.91 3.61
CA GLY A 329 6.02 -17.23 4.97
C GLY A 329 5.07 -16.16 5.49
N TYR A 330 4.45 -15.44 4.57
CA TYR A 330 3.49 -14.39 4.89
C TYR A 330 2.37 -14.96 5.75
N ALA A 331 2.11 -14.34 6.88
CA ALA A 331 1.06 -14.79 7.78
C ALA A 331 0.33 -13.60 8.42
N PRO A 332 -0.62 -13.02 7.69
CA PRO A 332 -1.41 -11.87 8.17
C PRO A 332 -2.24 -12.23 9.40
N LYS A 333 -2.17 -11.38 10.42
CA LYS A 333 -2.90 -11.61 11.66
C LYS A 333 -3.99 -10.57 11.91
N TYR A 334 -4.45 -9.90 10.86
CA TYR A 334 -5.47 -8.86 11.01
C TYR A 334 -6.64 -8.91 10.02
N ASP A 335 -7.82 -9.31 10.49
CA ASP A 335 -9.00 -9.34 9.64
C ASP A 335 -9.55 -7.91 9.58
N VAL A 336 -10.57 -7.68 8.75
CA VAL A 336 -11.13 -6.35 8.62
C VAL A 336 -11.61 -5.79 9.97
N SER A 337 -12.30 -6.62 10.74
CA SER A 337 -12.82 -6.19 12.04
C SER A 337 -11.73 -5.63 12.96
N ALA A 338 -10.63 -6.37 13.11
CA ALA A 338 -9.53 -5.92 13.95
C ALA A 338 -9.00 -4.61 13.41
N GLY A 339 -8.79 -4.56 12.10
CA GLY A 339 -8.28 -3.36 11.47
C GLY A 339 -9.19 -2.16 11.65
N VAL A 340 -10.49 -2.39 11.49
CA VAL A 340 -11.47 -1.33 11.65
C VAL A 340 -11.46 -0.82 13.09
N ALA A 341 -11.35 -1.75 14.03
CA ALA A 341 -11.33 -1.40 15.44
C ALA A 341 -10.12 -0.51 15.75
N LEU A 342 -8.99 -0.84 15.12
CA LEU A 342 -7.76 -0.08 15.33
C LEU A 342 -7.78 1.26 14.59
N ALA A 343 -8.41 1.27 13.42
CA ALA A 343 -8.48 2.47 12.59
C ALA A 343 -9.44 3.56 13.08
N MET A 344 -10.68 3.18 13.40
CA MET A 344 -11.70 4.13 13.83
C MET A 344 -11.25 5.16 14.86
N PRO A 345 -10.59 4.73 15.94
CA PRO A 345 -10.14 5.71 16.94
C PRO A 345 -9.25 6.79 16.31
N TRP A 346 -8.39 6.36 15.40
CA TRP A 346 -7.47 7.28 14.73
C TRP A 346 -8.20 8.39 13.98
N TYR A 347 -9.17 8.01 13.16
CA TYR A 347 -9.94 8.98 12.38
C TYR A 347 -10.74 9.93 13.27
N ILE A 348 -11.23 9.43 14.39
CA ILE A 348 -11.97 10.26 15.31
C ILE A 348 -11.04 11.33 15.87
N MET A 349 -9.80 10.96 16.14
CA MET A 349 -8.81 11.89 16.69
C MET A 349 -8.36 12.87 15.61
N PHE A 350 -8.35 12.40 14.37
CA PHE A 350 -7.93 13.21 13.22
C PHE A 350 -8.93 14.29 12.88
N LEU A 351 -10.22 13.95 12.95
CA LEU A 351 -11.27 14.91 12.64
C LEU A 351 -11.72 15.61 13.91
N LYS A 352 -11.71 14.86 15.02
CA LYS A 352 -12.10 15.36 16.33
C LYS A 352 -13.26 16.35 16.24
PA NAD B . -0.40 7.60 -0.86
O1A NAD B . -0.89 7.94 0.64
O2A NAD B . -0.86 8.68 -1.97
O5B NAD B . 1.21 7.45 -1.01
C5B NAD B . 1.80 7.77 -2.26
C4B NAD B . 2.94 8.70 -1.96
O4B NAD B . 3.79 8.77 -3.11
C3B NAD B . 2.45 10.08 -1.68
O3B NAD B . 2.97 10.47 -0.41
C2B NAD B . 3.01 10.92 -2.77
O2B NAD B . 3.43 12.19 -2.25
C1B NAD B . 4.16 10.13 -3.29
N9A NAD B . 4.44 10.41 -4.73
C8A NAD B . 3.53 10.32 -5.72
N7A NAD B . 4.13 10.63 -6.88
C5A NAD B . 5.47 10.91 -6.51
C6A NAD B . 6.57 11.29 -7.35
N6A NAD B . 6.35 11.43 -8.69
N1A NAD B . 7.78 11.51 -6.74
C2A NAD B . 7.86 11.34 -5.36
N3A NAD B . 6.86 10.98 -4.53
C4A NAD B . 5.64 10.76 -5.15
O3 NAD B . -0.95 6.21 -1.40
PN NAD B . -0.78 4.76 -0.74
O1N NAD B . 0.12 4.75 0.59
O2N NAD B . -2.31 4.27 -0.53
O5D NAD B . -0.24 3.85 -1.95
C5D NAD B . 1.13 3.58 -1.99
C4D NAD B . 1.37 2.63 -3.13
O4D NAD B . 0.57 1.45 -2.93
C3D NAD B . 0.95 3.24 -4.45
O3D NAD B . 2.01 2.94 -5.37
C2D NAD B . -0.29 2.51 -4.82
O2D NAD B . -0.38 2.39 -6.23
C1D NAD B . -0.13 1.19 -4.15
N1N NAD B . -1.44 0.53 -3.89
C2N NAD B . -2.19 0.98 -2.82
C3N NAD B . -3.40 0.31 -2.61
C7N NAD B . -4.31 0.72 -1.48
O7N NAD B . -5.29 0.07 -1.16
N7N NAD B . -3.93 1.86 -0.83
C4N NAD B . -3.80 -0.78 -3.47
C5N NAD B . -2.95 -1.18 -4.56
C6N NAD B . -1.73 -0.50 -4.76
N1 UPG C . -16.97 3.41 -3.12
C2 UPG C . -18.26 3.80 -2.75
N3 UPG C . -18.41 5.06 -2.22
C4 UPG C . -17.38 5.97 -2.01
C5 UPG C . -16.02 5.50 -2.42
C6 UPG C . -15.91 4.25 -2.94
O2 UPG C . -19.22 3.07 -2.88
O4 UPG C . -17.58 7.08 -1.53
C1C UPG C . -16.77 2.06 -3.67
C2C UPG C . -16.05 2.03 -5.00
O2C UPG C . -16.97 2.18 -6.06
C3C UPG C . -15.39 0.71 -5.03
C4C UPG C . -15.21 0.35 -3.56
O4C UPG C . -16.02 1.25 -2.79
O3C UPG C . -16.27 -0.26 -5.60
C5C UPG C . -13.77 0.51 -3.13
O5C UPG C . -13.38 1.85 -3.35
PA UPG C . -11.80 2.16 -3.46
O1A UPG C . -11.42 3.44 -4.36
O2A UPG C . -11.30 2.24 -1.93
O3A UPG C . -11.18 0.79 -3.99
PB UPG C . -10.60 0.42 -5.43
O1B UPG C . -11.49 0.95 -6.66
O2B UPG C . -10.39 -1.18 -5.37
O3B UPG C . -9.11 1.05 -5.36
C1' UPG C . -8.23 0.53 -4.39
C2' UPG C . -7.43 1.65 -3.74
C3' UPG C . -6.57 2.38 -4.76
C4' UPG C . -5.81 1.42 -5.65
C5' UPG C . -6.77 0.39 -6.24
C6' UPG C . -6.04 -0.59 -7.13
O2' UPG C . -8.35 2.58 -3.18
O3' UPG C . -5.63 3.19 -4.05
O4' UPG C . -5.27 2.19 -6.72
O5' UPG C . -7.40 -0.33 -5.18
O6' UPG C . -5.68 -1.73 -6.35
#